data_6KB5
#
_entry.id   6KB5
#
_cell.length_a   44.855
_cell.length_b   61.719
_cell.length_c   53.245
_cell.angle_alpha   90.000
_cell.angle_beta   106.570
_cell.angle_gamma   90.000
#
_symmetry.space_group_name_H-M   'P 1 21 1'
#
loop_
_entity.id
_entity.type
_entity.pdbx_description
1 polymer 'Peroxisome proliferator-activated receptor alpha'
2 non-polymer GLYCEROL
3 non-polymer 'icosa-5,8,11,14-tetraynoic acid'
4 water water
#
_entity_poly.entity_id   1
_entity_poly.type   'polypeptide(L)'
_entity_poly.pdbx_seq_one_letter_code
;GSHMTADLKSLAKRIYEAYLKNFNMNKVKARVILSGKASNNPPFVIHDMETLCMAEKTLVAKLVANGIQNKEAEVRIFHC
CQCTSVETVTELTEFAKAIPGFANLDLNDQVTLLKYGVYEAIFAMLSSVMNKDGMLVAYGNGFITREFLKSLRKPFCDIM
EPKFDFAMKFNALELDDSDISLFVAAIICCGDRPGLLNVGHIEKMQEGIVHVLRLHLQSNHPDDIFLFPKLLQKMADLRQ
LVTEHAQLVQIIKKTESDAALHPLLQEIYRDMY
;
_entity_poly.pdbx_strand_id   A
#
loop_
_chem_comp.id
_chem_comp.type
_chem_comp.name
_chem_comp.formula
GOL non-polymer GLYCEROL 'C3 H8 O3'
ITY non-polymer 'icosa-5,8,11,14-tetraynoic acid' 'C20 H24 O2'
#
# COMPACT_ATOMS: atom_id res chain seq x y z
N ALA A 6 9.76 -20.44 -18.27
CA ALA A 6 9.31 -21.18 -19.44
C ALA A 6 7.80 -21.00 -19.64
N ASP A 7 7.01 -21.36 -18.62
CA ASP A 7 5.56 -21.21 -18.67
C ASP A 7 5.18 -19.98 -17.86
N LEU A 8 4.93 -18.87 -18.56
CA LEU A 8 4.62 -17.61 -17.92
C LEU A 8 3.19 -17.56 -17.39
N LYS A 9 2.28 -18.36 -17.94
CA LYS A 9 0.91 -18.36 -17.43
C LYS A 9 0.85 -19.00 -16.04
N SER A 10 1.62 -20.07 -15.83
CA SER A 10 1.69 -20.68 -14.51
C SER A 10 2.30 -19.71 -13.49
N LEU A 11 3.36 -19.01 -13.89
CA LEU A 11 4.00 -18.06 -12.99
C LEU A 11 3.04 -16.97 -12.56
N ALA A 12 2.28 -16.42 -13.52
CA ALA A 12 1.28 -15.41 -13.20
C ALA A 12 0.29 -15.93 -12.16
N LYS A 13 -0.09 -17.22 -12.27
CA LYS A 13 -1.03 -17.79 -11.32
C LYS A 13 -0.39 -17.98 -9.95
N ARG A 14 0.88 -18.39 -9.91
N ARG A 14 0.87 -18.42 -9.92
CA ARG A 14 1.57 -18.52 -8.63
CA ARG A 14 1.60 -18.52 -8.65
C ARG A 14 1.57 -17.19 -7.88
C ARG A 14 1.57 -17.20 -7.89
N ILE A 15 1.94 -16.10 -8.57
N ILE A 15 1.91 -16.11 -8.57
CA ILE A 15 1.96 -14.79 -7.93
CA ILE A 15 1.95 -14.81 -7.90
C ILE A 15 0.57 -14.41 -7.44
C ILE A 15 0.56 -14.39 -7.43
N TYR A 16 -0.45 -14.64 -8.26
CA TYR A 16 -1.82 -14.30 -7.87
C TYR A 16 -2.24 -15.07 -6.63
N GLU A 17 -1.96 -16.37 -6.60
CA GLU A 17 -2.33 -17.17 -5.43
C GLU A 17 -1.59 -16.72 -4.18
N ALA A 18 -0.30 -16.38 -4.32
CA ALA A 18 0.45 -15.85 -3.18
C ALA A 18 -0.13 -14.52 -2.72
N TYR A 19 -0.64 -13.72 -3.66
N TYR A 19 -0.64 -13.71 -3.65
CA TYR A 19 -1.27 -12.45 -3.31
CA TYR A 19 -1.27 -12.45 -3.28
C TYR A 19 -2.54 -12.68 -2.49
C TYR A 19 -2.54 -12.69 -2.47
N LEU A 20 -3.40 -13.60 -2.96
CA LEU A 20 -4.62 -13.90 -2.23
C LEU A 20 -4.34 -14.48 -0.85
N LYS A 21 -3.23 -15.21 -0.71
CA LYS A 21 -2.95 -15.87 0.56
C LYS A 21 -2.36 -14.93 1.60
N ASN A 22 -1.54 -13.96 1.18
CA ASN A 22 -0.75 -13.20 2.13
C ASN A 22 -1.34 -11.84 2.51
N PHE A 23 -2.26 -11.30 1.72
CA PHE A 23 -2.84 -9.99 2.02
C PHE A 23 -4.26 -10.16 2.57
N ASN A 24 -4.50 -9.57 3.75
CA ASN A 24 -5.80 -9.75 4.40
C ASN A 24 -6.92 -9.09 3.59
N MET A 25 -6.61 -8.09 2.79
CA MET A 25 -7.59 -7.41 1.98
C MET A 25 -7.24 -7.57 0.51
N ASN A 26 -8.26 -7.81 -0.31
CA ASN A 26 -8.10 -7.85 -1.75
C ASN A 26 -9.27 -7.09 -2.36
N LYS A 27 -9.19 -6.86 -3.68
CA LYS A 27 -10.18 -5.98 -4.31
C LYS A 27 -11.57 -6.59 -4.26
N VAL A 28 -11.69 -7.91 -4.47
CA VAL A 28 -13.01 -8.54 -4.41
C VAL A 28 -13.62 -8.38 -3.03
N LYS A 29 -12.86 -8.70 -1.98
CA LYS A 29 -13.37 -8.55 -0.62
C LYS A 29 -13.75 -7.11 -0.31
N ALA A 30 -12.93 -6.16 -0.77
CA ALA A 30 -13.20 -4.75 -0.49
C ALA A 30 -14.49 -4.28 -1.17
N ARG A 31 -14.71 -4.72 -2.41
CA ARG A 31 -15.92 -4.31 -3.12
C ARG A 31 -17.18 -4.88 -2.48
N VAL A 32 -17.11 -6.12 -1.99
CA VAL A 32 -18.24 -6.69 -1.28
C VAL A 32 -18.64 -5.80 -0.10
N ILE A 33 -17.65 -5.37 0.67
CA ILE A 33 -17.92 -4.52 1.83
C ILE A 33 -18.41 -3.15 1.37
N LEU A 34 -17.71 -2.54 0.42
CA LEU A 34 -18.07 -1.19 -0.02
C LEU A 34 -19.43 -1.15 -0.72
N SER A 35 -19.96 -2.29 -1.15
CA SER A 35 -21.24 -2.29 -1.83
C SER A 35 -22.41 -2.29 -0.85
N GLY A 36 -22.25 -2.93 0.30
CA GLY A 36 -23.31 -3.00 1.29
C GLY A 36 -23.92 -4.39 1.39
N ASN A 41 -21.27 -8.06 10.42
CA ASN A 41 -20.66 -6.85 10.95
C ASN A 41 -20.34 -5.85 9.83
N PRO A 42 -21.32 -5.05 9.44
CA PRO A 42 -21.09 -4.04 8.41
C PRO A 42 -20.07 -3.00 8.88
N PRO A 43 -19.50 -2.22 7.98
CA PRO A 43 -18.49 -1.25 8.38
C PRO A 43 -19.13 -0.06 9.09
N PHE A 44 -18.52 0.34 10.21
CA PHE A 44 -18.95 1.55 10.90
C PHE A 44 -18.43 2.78 10.16
N VAL A 45 -19.33 3.73 9.89
CA VAL A 45 -19.00 4.90 9.09
C VAL A 45 -18.46 5.99 9.99
N ILE A 46 -17.24 6.45 9.70
CA ILE A 46 -16.60 7.54 10.43
C ILE A 46 -16.64 8.76 9.54
N HIS A 47 -17.52 9.72 9.88
CA HIS A 47 -17.70 10.92 9.09
C HIS A 47 -17.49 12.21 9.88
N ASP A 48 -17.36 12.13 11.20
CA ASP A 48 -17.12 13.31 12.02
C ASP A 48 -16.45 12.84 13.31
N MET A 49 -16.21 13.79 14.21
CA MET A 49 -15.49 13.46 15.44
C MET A 49 -16.31 12.52 16.32
N GLU A 50 -17.63 12.71 16.38
CA GLU A 50 -18.47 11.83 17.18
C GLU A 50 -18.32 10.38 16.73
N THR A 51 -18.44 10.14 15.41
CA THR A 51 -18.37 8.77 14.91
C THR A 51 -16.95 8.23 14.95
N LEU A 52 -15.93 9.09 14.88
CA LEU A 52 -14.56 8.63 15.08
C LEU A 52 -14.38 8.09 16.49
N CYS A 53 -14.81 8.84 17.50
N CYS A 53 -14.79 8.86 17.50
CA CYS A 53 -14.65 8.39 18.88
CA CYS A 53 -14.68 8.41 18.88
C CYS A 53 -15.49 7.14 19.16
C CYS A 53 -15.47 7.12 19.10
N MET A 54 -16.69 7.06 18.57
CA MET A 54 -17.49 5.84 18.71
C MET A 54 -16.76 4.64 18.13
N ALA A 55 -16.22 4.79 16.92
CA ALA A 55 -15.53 3.69 16.27
C ALA A 55 -14.31 3.24 17.08
N GLU A 56 -13.52 4.21 17.56
CA GLU A 56 -12.33 3.89 18.34
C GLU A 56 -12.68 3.08 19.58
N LYS A 57 -13.75 3.46 20.27
CA LYS A 57 -14.12 2.75 21.50
C LYS A 57 -14.46 1.29 21.23
N THR A 58 -14.92 0.98 20.01
CA THR A 58 -15.25 -0.40 19.66
C THR A 58 -14.06 -1.13 19.05
N LEU A 59 -13.36 -0.49 18.11
CA LEU A 59 -12.37 -1.20 17.29
C LEU A 59 -10.96 -1.11 17.85
N VAL A 60 -10.59 -0.01 18.51
CA VAL A 60 -9.26 0.15 19.07
C VAL A 60 -9.37 0.74 20.46
N ALA A 61 -10.12 0.04 21.34
CA ALA A 61 -10.41 0.60 22.66
C ALA A 61 -9.15 0.97 23.42
N LYS A 62 -8.10 0.15 23.32
CA LYS A 62 -6.86 0.43 24.02
C LYS A 62 -6.33 1.83 23.69
N LEU A 63 -6.57 2.30 22.47
CA LEU A 63 -6.00 3.57 22.05
C LEU A 63 -6.66 4.75 22.76
N VAL A 64 -7.91 4.60 23.18
CA VAL A 64 -8.65 5.69 23.79
C VAL A 64 -9.01 5.38 25.24
N ALA A 65 -8.31 4.44 25.86
CA ALA A 65 -8.55 4.05 27.24
C ALA A 65 -7.69 4.83 28.24
N ASN A 66 -7.09 5.93 27.83
CA ASN A 66 -6.18 6.70 28.68
C ASN A 66 -6.82 7.96 29.23
N GLY A 67 -8.14 8.11 29.13
CA GLY A 67 -8.80 9.26 29.70
C GLY A 67 -8.26 10.55 29.11
N ILE A 68 -8.03 11.54 29.99
CA ILE A 68 -7.53 12.83 29.54
C ILE A 68 -6.14 12.74 28.93
N GLN A 69 -5.42 11.63 29.15
CA GLN A 69 -4.10 11.44 28.59
C GLN A 69 -4.14 10.90 27.16
N ASN A 70 -5.33 10.62 26.61
CA ASN A 70 -5.41 10.20 25.23
C ASN A 70 -4.79 11.25 24.31
N LYS A 71 -4.31 10.79 23.17
CA LYS A 71 -3.71 11.70 22.20
C LYS A 71 -4.80 12.46 21.44
N GLU A 72 -4.38 13.54 20.79
CA GLU A 72 -5.26 14.31 19.94
C GLU A 72 -5.85 13.41 18.84
N ALA A 73 -7.05 13.77 18.37
CA ALA A 73 -7.73 12.95 17.37
C ALA A 73 -6.87 12.75 16.13
N GLU A 74 -6.23 13.82 15.65
CA GLU A 74 -5.40 13.70 14.46
C GLU A 74 -4.25 12.72 14.67
N VAL A 75 -3.67 12.70 15.87
CA VAL A 75 -2.54 11.82 16.15
C VAL A 75 -3.00 10.38 16.27
N ARG A 76 -4.17 10.15 16.86
CA ARG A 76 -4.70 8.79 16.92
C ARG A 76 -4.95 8.23 15.53
N ILE A 77 -5.47 9.05 14.62
CA ILE A 77 -5.70 8.61 13.25
C ILE A 77 -4.38 8.25 12.59
N PHE A 78 -3.40 9.14 12.66
CA PHE A 78 -2.09 8.87 12.07
C PHE A 78 -1.50 7.59 12.62
N HIS A 79 -1.68 7.33 13.92
CA HIS A 79 -1.17 6.10 14.51
C HIS A 79 -1.85 4.88 13.92
N CYS A 80 -3.16 4.96 13.66
CA CYS A 80 -3.86 3.85 13.03
C CYS A 80 -3.37 3.60 11.61
N CYS A 81 -3.07 4.68 10.87
CA CYS A 81 -2.47 4.52 9.55
C CYS A 81 -1.15 3.77 9.64
N GLN A 82 -0.30 4.15 10.60
CA GLN A 82 0.98 3.47 10.77
C GLN A 82 0.80 1.98 11.03
N CYS A 83 -0.13 1.63 11.92
CA CYS A 83 -0.36 0.22 12.20
C CYS A 83 -0.71 -0.54 10.94
N THR A 84 -1.55 0.04 10.08
CA THR A 84 -1.88 -0.59 8.81
C THR A 84 -0.64 -0.78 7.96
N SER A 85 0.19 0.27 7.85
CA SER A 85 1.43 0.16 7.09
C SER A 85 2.31 -0.96 7.63
N VAL A 86 2.50 -0.99 8.94
CA VAL A 86 3.37 -2.01 9.55
C VAL A 86 2.86 -3.41 9.21
N GLU A 87 1.55 -3.62 9.28
CA GLU A 87 1.00 -4.93 8.95
C GLU A 87 1.21 -5.25 7.47
N THR A 88 1.03 -4.27 6.60
CA THR A 88 1.23 -4.50 5.17
C THR A 88 2.68 -4.83 4.86
N VAL A 89 3.62 -4.27 5.61
CA VAL A 89 5.03 -4.62 5.43
C VAL A 89 5.24 -6.10 5.71
N THR A 90 4.68 -6.59 6.80
CA THR A 90 4.80 -8.01 7.11
C THR A 90 4.20 -8.86 5.99
N GLU A 91 3.02 -8.46 5.50
CA GLU A 91 2.40 -9.21 4.40
C GLU A 91 3.25 -9.13 3.13
N LEU A 92 3.78 -7.95 2.81
CA LEU A 92 4.59 -7.82 1.61
C LEU A 92 5.87 -8.64 1.69
N THR A 93 6.44 -8.79 2.88
CA THR A 93 7.68 -9.55 3.02
C THR A 93 7.46 -11.02 2.73
N GLU A 94 6.33 -11.58 3.15
N GLU A 94 6.33 -11.58 3.15
CA GLU A 94 6.04 -12.97 2.84
CA GLU A 94 6.04 -12.97 2.86
C GLU A 94 5.63 -13.15 1.39
C GLU A 94 5.64 -13.15 1.40
N PHE A 95 4.90 -12.19 0.84
CA PHE A 95 4.52 -12.26 -0.57
C PHE A 95 5.76 -12.28 -1.46
N ALA A 96 6.80 -11.54 -1.08
CA ALA A 96 7.99 -11.43 -1.93
C ALA A 96 8.63 -12.79 -2.18
N LYS A 97 8.46 -13.75 -1.28
CA LYS A 97 9.05 -15.07 -1.46
C LYS A 97 8.52 -15.78 -2.70
N ALA A 98 7.34 -15.40 -3.19
CA ALA A 98 6.76 -16.05 -4.37
C ALA A 98 7.33 -15.53 -5.67
N ILE A 99 8.12 -14.46 -5.65
CA ILE A 99 8.68 -13.88 -6.86
C ILE A 99 9.93 -14.67 -7.24
N PRO A 100 9.97 -15.24 -8.45
CA PRO A 100 11.14 -16.05 -8.84
C PRO A 100 12.42 -15.25 -8.73
N GLY A 101 13.36 -15.78 -7.94
CA GLY A 101 14.66 -15.18 -7.77
C GLY A 101 14.81 -14.33 -6.52
N PHE A 102 13.71 -13.82 -5.97
CA PHE A 102 13.82 -12.94 -4.81
C PHE A 102 14.47 -13.66 -3.63
N ALA A 103 13.96 -14.84 -3.29
CA ALA A 103 14.53 -15.60 -2.18
C ALA A 103 15.97 -16.03 -2.44
N ASN A 104 16.39 -16.06 -3.71
CA ASN A 104 17.76 -16.40 -4.05
C ASN A 104 18.71 -15.21 -3.94
N LEU A 105 18.20 -14.00 -3.72
CA LEU A 105 19.03 -12.83 -3.59
C LEU A 105 19.71 -12.81 -2.23
N ASP A 106 20.77 -12.00 -2.14
CA ASP A 106 21.42 -11.78 -0.86
C ASP A 106 20.43 -11.13 0.12
N LEU A 107 20.59 -11.48 1.40
CA LEU A 107 19.70 -10.91 2.42
C LEU A 107 19.69 -9.40 2.38
N ASN A 108 20.87 -8.78 2.22
CA ASN A 108 20.94 -7.33 2.19
C ASN A 108 20.15 -6.76 1.02
N ASP A 109 20.23 -7.39 -0.15
CA ASP A 109 19.49 -6.91 -1.31
C ASP A 109 17.99 -7.09 -1.11
N GLN A 110 17.58 -8.19 -0.47
CA GLN A 110 16.17 -8.38 -0.16
C GLN A 110 15.66 -7.23 0.71
N VAL A 111 16.42 -6.87 1.75
CA VAL A 111 16.01 -5.78 2.63
C VAL A 111 15.90 -4.49 1.84
N THR A 112 16.88 -4.21 0.98
CA THR A 112 16.87 -2.97 0.22
C THR A 112 15.67 -2.89 -0.70
N LEU A 113 15.38 -3.98 -1.42
CA LEU A 113 14.24 -3.98 -2.33
C LEU A 113 12.95 -3.69 -1.56
N LEU A 114 12.76 -4.33 -0.41
CA LEU A 114 11.54 -4.11 0.36
C LEU A 114 11.52 -2.73 0.97
N LYS A 115 12.69 -2.23 1.41
CA LYS A 115 12.75 -0.90 2.00
C LYS A 115 12.15 0.15 1.08
N TYR A 116 12.57 0.16 -0.19
CA TYR A 116 12.11 1.16 -1.13
C TYR A 116 10.80 0.80 -1.82
N GLY A 117 10.39 -0.46 -1.76
CA GLY A 117 9.20 -0.87 -2.48
C GLY A 117 7.92 -0.87 -1.66
N VAL A 118 8.03 -1.07 -0.34
CA VAL A 118 6.84 -1.34 0.46
C VAL A 118 5.82 -0.23 0.34
N TYR A 119 6.25 1.03 0.48
CA TYR A 119 5.29 2.13 0.45
C TYR A 119 4.71 2.36 -0.94
N GLU A 120 5.49 2.10 -1.99
CA GLU A 120 4.91 2.12 -3.33
C GLU A 120 3.84 1.04 -3.46
N ALA A 121 4.14 -0.16 -2.96
CA ALA A 121 3.14 -1.23 -2.96
C ALA A 121 1.94 -0.87 -2.09
N ILE A 122 2.19 -0.27 -0.92
CA ILE A 122 1.11 0.07 0.01
C ILE A 122 0.13 1.03 -0.66
N PHE A 123 0.65 2.10 -1.27
CA PHE A 123 -0.24 3.08 -1.88
C PHE A 123 -0.94 2.53 -3.12
N ALA A 124 -0.30 1.59 -3.83
CA ALA A 124 -0.96 0.94 -4.94
C ALA A 124 -2.14 0.10 -4.47
N MET A 125 -1.91 -0.73 -3.44
CA MET A 125 -2.97 -1.59 -2.93
C MET A 125 -4.02 -0.82 -2.13
N LEU A 126 -3.66 0.33 -1.56
CA LEU A 126 -4.65 1.14 -0.86
C LEU A 126 -5.79 1.55 -1.80
N SER A 127 -5.50 1.67 -3.10
CA SER A 127 -6.53 2.04 -4.05
C SER A 127 -7.70 1.06 -4.02
N SER A 128 -7.43 -0.22 -3.71
CA SER A 128 -8.47 -1.23 -3.72
C SER A 128 -9.53 -1.01 -2.65
N VAL A 129 -9.19 -0.31 -1.56
CA VAL A 129 -10.14 -0.07 -0.48
C VAL A 129 -10.62 1.38 -0.47
N MET A 130 -10.39 2.11 -1.55
CA MET A 130 -10.78 3.51 -1.66
C MET A 130 -11.84 3.67 -2.74
N ASN A 131 -12.82 4.54 -2.48
CA ASN A 131 -13.66 5.11 -3.52
C ASN A 131 -13.67 6.62 -3.35
N LYS A 132 -14.43 7.32 -4.19
CA LYS A 132 -14.38 8.77 -4.18
C LYS A 132 -14.88 9.37 -2.88
N ASP A 133 -15.57 8.59 -2.04
CA ASP A 133 -16.13 9.11 -0.80
C ASP A 133 -15.34 8.74 0.46
N GLY A 134 -14.49 7.72 0.40
CA GLY A 134 -13.75 7.34 1.59
C GLY A 134 -13.00 6.04 1.36
N MET A 135 -12.55 5.44 2.47
CA MET A 135 -11.71 4.26 2.42
C MET A 135 -12.06 3.31 3.55
N LEU A 136 -11.94 2.01 3.27
CA LEU A 136 -12.08 1.00 4.30
C LEU A 136 -10.86 1.00 5.22
N VAL A 137 -11.10 0.81 6.52
CA VAL A 137 -10.05 0.77 7.52
C VAL A 137 -10.38 -0.32 8.53
N ALA A 138 -9.39 -0.63 9.38
CA ALA A 138 -9.58 -1.57 10.48
C ALA A 138 -10.07 -2.93 9.97
N TYR A 139 -9.35 -3.46 8.98
CA TYR A 139 -9.63 -4.81 8.48
C TYR A 139 -11.07 -4.93 7.99
N GLY A 140 -11.54 -3.89 7.30
CA GLY A 140 -12.86 -3.89 6.70
C GLY A 140 -14.00 -3.53 7.62
N ASN A 141 -13.73 -3.20 8.87
CA ASN A 141 -14.79 -2.91 9.85
C ASN A 141 -15.06 -1.43 10.01
N GLY A 142 -14.34 -0.57 9.32
CA GLY A 142 -14.60 0.85 9.36
C GLY A 142 -14.47 1.47 7.97
N PHE A 143 -15.24 2.53 7.75
CA PHE A 143 -15.18 3.32 6.52
C PHE A 143 -15.10 4.78 6.92
N ILE A 144 -13.94 5.40 6.67
CA ILE A 144 -13.70 6.78 7.06
C ILE A 144 -13.82 7.65 5.82
N THR A 145 -14.59 8.73 5.92
CA THR A 145 -14.91 9.51 4.74
C THR A 145 -13.73 10.38 4.32
N ARG A 146 -13.60 10.55 3.01
CA ARG A 146 -12.56 11.42 2.46
C ARG A 146 -12.68 12.83 3.00
N GLU A 147 -13.91 13.33 3.13
CA GLU A 147 -14.10 14.70 3.58
C GLU A 147 -13.70 14.88 5.04
N PHE A 148 -13.99 13.89 5.89
CA PHE A 148 -13.54 13.98 7.28
C PHE A 148 -12.02 14.09 7.35
N LEU A 149 -11.31 13.26 6.59
CA LEU A 149 -9.85 13.29 6.61
C LEU A 149 -9.34 14.66 6.14
N LYS A 150 -10.00 15.25 5.14
CA LYS A 150 -9.61 16.59 4.70
C LYS A 150 -9.91 17.65 5.74
N SER A 151 -10.84 17.38 6.67
CA SER A 151 -11.21 18.36 7.68
C SER A 151 -10.24 18.42 8.85
N LEU A 152 -9.31 17.47 8.96
CA LEU A 152 -8.35 17.48 10.04
C LEU A 152 -7.45 18.72 9.94
N ARG A 153 -6.91 19.14 11.08
CA ARG A 153 -6.01 20.27 11.08
C ARG A 153 -4.69 19.89 10.41
N LYS A 154 -4.06 20.88 9.77
CA LYS A 154 -2.78 20.63 9.13
C LYS A 154 -1.77 20.19 10.18
N PRO A 155 -0.78 19.38 9.79
CA PRO A 155 -0.58 18.88 8.43
C PRO A 155 -1.24 17.52 8.18
N PHE A 156 -2.07 17.07 9.12
CA PHE A 156 -2.61 15.72 9.05
C PHE A 156 -3.66 15.59 7.95
N CYS A 157 -4.32 16.70 7.57
CA CYS A 157 -5.29 16.65 6.48
C CYS A 157 -4.63 16.47 5.12
N ASP A 158 -3.30 16.56 5.04
CA ASP A 158 -2.58 16.42 3.78
C ASP A 158 -2.01 15.03 3.58
N ILE A 159 -2.27 14.10 4.50
CA ILE A 159 -1.67 12.77 4.41
C ILE A 159 -2.35 11.94 3.32
N MET A 160 -3.68 11.77 3.42
CA MET A 160 -4.36 10.81 2.58
C MET A 160 -4.87 11.37 1.26
N GLU A 161 -5.14 12.68 1.18
CA GLU A 161 -5.74 13.22 -0.03
C GLU A 161 -4.93 12.91 -1.28
N PRO A 162 -3.60 13.08 -1.30
CA PRO A 162 -2.84 12.67 -2.49
C PRO A 162 -3.00 11.20 -2.82
N LYS A 163 -3.21 10.36 -1.81
CA LYS A 163 -3.43 8.94 -2.07
C LYS A 163 -4.79 8.70 -2.70
N PHE A 164 -5.81 9.42 -2.25
CA PHE A 164 -7.11 9.38 -2.92
C PHE A 164 -6.97 9.81 -4.38
N ASP A 165 -6.23 10.89 -4.64
CA ASP A 165 -6.05 11.36 -6.01
C ASP A 165 -5.44 10.27 -6.89
N PHE A 166 -4.39 9.62 -6.40
CA PHE A 166 -3.79 8.53 -7.17
C PHE A 166 -4.79 7.39 -7.36
N ALA A 167 -5.48 7.01 -6.29
CA ALA A 167 -6.35 5.84 -6.34
C ALA A 167 -7.47 6.02 -7.36
N MET A 168 -8.05 7.23 -7.44
CA MET A 168 -9.17 7.44 -8.34
C MET A 168 -8.77 7.16 -9.79
N LYS A 169 -7.59 7.63 -10.20
CA LYS A 169 -7.12 7.35 -11.55
C LYS A 169 -6.69 5.90 -11.70
N PHE A 170 -6.01 5.36 -10.67
CA PHE A 170 -5.61 3.96 -10.72
C PHE A 170 -6.82 3.03 -10.83
N ASN A 171 -7.86 3.31 -10.05
CA ASN A 171 -9.05 2.46 -10.10
C ASN A 171 -9.78 2.57 -11.44
N ALA A 172 -9.64 3.70 -12.13
CA ALA A 172 -10.26 3.84 -13.44
C ALA A 172 -9.66 2.87 -14.45
N LEU A 173 -8.48 2.33 -14.18
CA LEU A 173 -7.89 1.32 -15.06
C LEU A 173 -8.63 -0.02 -14.95
N GLU A 174 -9.44 -0.20 -13.91
CA GLU A 174 -10.24 -1.41 -13.74
C GLU A 174 -9.37 -2.66 -13.73
N LEU A 175 -8.28 -2.62 -12.98
CA LEU A 175 -7.49 -3.81 -12.76
C LEU A 175 -8.22 -4.76 -11.81
N ASP A 176 -7.90 -6.04 -11.91
CA ASP A 176 -8.35 -7.01 -10.93
C ASP A 176 -7.15 -7.54 -10.15
N ASP A 177 -7.43 -8.37 -9.15
CA ASP A 177 -6.37 -8.86 -8.28
C ASP A 177 -5.29 -9.62 -9.06
N SER A 178 -5.66 -10.28 -10.16
CA SER A 178 -4.65 -10.97 -10.96
C SER A 178 -3.68 -9.97 -11.58
N ASP A 179 -4.17 -8.80 -12.00
CA ASP A 179 -3.29 -7.74 -12.48
C ASP A 179 -2.50 -7.14 -11.33
N ILE A 180 -3.18 -6.78 -10.24
CA ILE A 180 -2.54 -6.07 -9.14
C ILE A 180 -1.41 -6.89 -8.54
N SER A 181 -1.62 -8.19 -8.39
CA SER A 181 -0.59 -9.04 -7.79
C SER A 181 0.71 -8.95 -8.57
N LEU A 182 0.63 -9.00 -9.91
CA LEU A 182 1.84 -8.88 -10.72
C LEU A 182 2.41 -7.47 -10.68
N PHE A 183 1.54 -6.46 -10.62
CA PHE A 183 2.01 -5.08 -10.51
C PHE A 183 2.80 -4.86 -9.22
N VAL A 184 2.30 -5.39 -8.10
CA VAL A 184 3.02 -5.28 -6.85
C VAL A 184 4.34 -6.03 -6.92
N ALA A 185 4.36 -7.19 -7.57
CA ALA A 185 5.60 -7.93 -7.76
C ALA A 185 6.61 -7.10 -8.54
N ALA A 186 6.16 -6.45 -9.62
CA ALA A 186 7.06 -5.62 -10.41
C ALA A 186 7.60 -4.45 -9.59
N ILE A 187 6.76 -3.83 -8.77
CA ILE A 187 7.21 -2.74 -7.90
C ILE A 187 8.39 -3.19 -7.06
N ILE A 188 8.31 -4.38 -6.48
CA ILE A 188 9.36 -4.86 -5.60
C ILE A 188 10.65 -5.11 -6.37
N CYS A 189 10.56 -5.56 -7.62
CA CYS A 189 11.74 -5.91 -8.42
C CYS A 189 12.19 -4.73 -9.26
N CYS A 190 12.79 -3.75 -8.59
CA CYS A 190 13.35 -2.57 -9.24
C CYS A 190 14.86 -2.60 -9.09
N GLY A 191 15.58 -2.66 -10.21
CA GLY A 191 17.03 -2.74 -10.18
C GLY A 191 17.75 -1.44 -9.93
N ASP A 192 17.04 -0.31 -9.92
CA ASP A 192 17.65 0.99 -9.71
C ASP A 192 17.43 1.52 -8.30
N ARG A 193 17.20 0.64 -7.33
CA ARG A 193 17.10 1.08 -5.94
C ARG A 193 18.48 1.41 -5.41
N PRO A 194 18.62 2.48 -4.62
CA PRO A 194 19.94 2.85 -4.11
C PRO A 194 20.54 1.77 -3.23
N GLY A 195 21.84 1.52 -3.41
CA GLY A 195 22.59 0.66 -2.52
C GLY A 195 22.52 -0.83 -2.82
N LEU A 196 22.00 -1.23 -3.97
CA LEU A 196 21.88 -2.65 -4.27
C LEU A 196 23.24 -3.28 -4.50
N LEU A 197 23.37 -4.54 -4.10
CA LEU A 197 24.63 -5.26 -4.24
C LEU A 197 24.76 -5.88 -5.63
N ASN A 198 23.86 -6.77 -5.99
CA ASN A 198 23.92 -7.53 -7.23
C ASN A 198 22.87 -7.00 -8.20
N VAL A 199 23.14 -5.83 -8.77
CA VAL A 199 22.19 -5.18 -9.66
C VAL A 199 21.87 -6.07 -10.85
N GLY A 200 22.87 -6.81 -11.34
CA GLY A 200 22.66 -7.62 -12.53
C GLY A 200 21.57 -8.66 -12.35
N HIS A 201 21.65 -9.43 -11.26
CA HIS A 201 20.64 -10.46 -11.00
C HIS A 201 19.27 -9.84 -10.78
N ILE A 202 19.22 -8.70 -10.09
CA ILE A 202 17.96 -8.03 -9.83
C ILE A 202 17.31 -7.56 -11.14
N GLU A 203 18.12 -6.97 -12.02
CA GLU A 203 17.59 -6.54 -13.32
C GLU A 203 17.01 -7.72 -14.09
N LYS A 204 17.67 -8.87 -14.04
CA LYS A 204 17.13 -10.05 -14.71
C LYS A 204 15.84 -10.52 -14.04
N MET A 205 15.79 -10.46 -12.71
CA MET A 205 14.55 -10.76 -12.00
C MET A 205 13.45 -9.80 -12.40
N GLN A 206 13.76 -8.51 -12.48
CA GLN A 206 12.79 -7.51 -12.92
C GLN A 206 12.31 -7.82 -14.33
N GLU A 207 13.23 -8.08 -15.26
CA GLU A 207 12.84 -8.37 -16.63
C GLU A 207 11.88 -9.55 -16.69
N GLY A 208 12.11 -10.57 -15.87
CA GLY A 208 11.25 -11.74 -15.91
C GLY A 208 9.84 -11.45 -15.42
N ILE A 209 9.72 -10.78 -14.28
CA ILE A 209 8.39 -10.49 -13.75
C ILE A 209 7.66 -9.51 -14.66
N VAL A 210 8.36 -8.48 -15.15
CA VAL A 210 7.71 -7.53 -16.05
C VAL A 210 7.28 -8.22 -17.33
N HIS A 211 8.05 -9.21 -17.79
CA HIS A 211 7.61 -10.00 -18.94
C HIS A 211 6.30 -10.71 -18.63
N VAL A 212 6.19 -11.30 -17.44
CA VAL A 212 4.95 -11.97 -17.04
C VAL A 212 3.81 -10.96 -16.97
N LEU A 213 4.07 -9.80 -16.36
CA LEU A 213 3.03 -8.77 -16.27
C LEU A 213 2.56 -8.33 -17.64
N ARG A 214 3.50 -8.12 -18.57
N ARG A 214 3.50 -8.12 -18.57
CA ARG A 214 3.13 -7.65 -19.90
CA ARG A 214 3.14 -7.65 -19.90
C ARG A 214 2.22 -8.65 -20.59
C ARG A 214 2.23 -8.65 -20.60
N LEU A 215 2.59 -9.94 -20.57
CA LEU A 215 1.77 -10.95 -21.22
C LEU A 215 0.40 -11.09 -20.54
N HIS A 216 0.37 -11.03 -19.21
CA HIS A 216 -0.90 -11.14 -18.50
C HIS A 216 -1.84 -10.01 -18.89
N LEU A 217 -1.36 -8.77 -18.86
CA LEU A 217 -2.18 -7.64 -19.25
C LEU A 217 -2.70 -7.79 -20.67
N GLN A 218 -1.88 -8.33 -21.57
CA GLN A 218 -2.31 -8.54 -22.94
C GLN A 218 -3.51 -9.49 -23.01
N SER A 219 -3.46 -10.58 -22.24
CA SER A 219 -4.55 -11.55 -22.25
C SER A 219 -5.76 -11.07 -21.46
N ASN A 220 -5.53 -10.45 -20.30
CA ASN A 220 -6.61 -10.09 -19.40
C ASN A 220 -7.33 -8.80 -19.80
N HIS A 221 -6.68 -7.92 -20.56
CA HIS A 221 -7.25 -6.63 -20.95
C HIS A 221 -7.02 -6.39 -22.44
N PRO A 222 -7.60 -7.22 -23.30
CA PRO A 222 -7.42 -7.02 -24.75
C PRO A 222 -7.99 -5.70 -25.25
N ASP A 223 -8.85 -5.05 -24.48
CA ASP A 223 -9.49 -3.81 -24.90
C ASP A 223 -8.63 -2.57 -24.69
N ASP A 224 -7.50 -2.69 -24.00
CA ASP A 224 -6.67 -1.54 -23.63
C ASP A 224 -5.23 -1.86 -24.02
N ILE A 225 -4.83 -1.53 -25.24
CA ILE A 225 -3.53 -1.93 -25.74
C ILE A 225 -2.38 -1.15 -25.10
N PHE A 226 -2.67 -0.02 -24.46
CA PHE A 226 -1.65 0.77 -23.78
C PHE A 226 -1.60 0.53 -22.27
N LEU A 227 -2.31 -0.49 -21.77
CA LEU A 227 -2.39 -0.68 -20.33
C LEU A 227 -1.02 -0.89 -19.71
N PHE A 228 -0.14 -1.64 -20.39
CA PHE A 228 1.19 -1.87 -19.85
C PHE A 228 1.98 -0.59 -19.70
N PRO A 229 2.17 0.22 -20.74
CA PRO A 229 2.85 1.52 -20.53
C PRO A 229 2.16 2.39 -19.49
N LYS A 230 0.82 2.36 -19.43
CA LYS A 230 0.10 3.10 -18.40
C LYS A 230 0.57 2.69 -17.01
N LEU A 231 0.76 1.38 -16.79
CA LEU A 231 1.19 0.93 -15.46
C LEU A 231 2.65 1.24 -15.19
N LEU A 232 3.50 1.19 -16.23
CA LEU A 232 4.87 1.65 -16.05
C LEU A 232 4.88 3.09 -15.54
N GLN A 233 4.02 3.95 -16.10
CA GLN A 233 3.96 5.32 -15.63
C GLN A 233 3.43 5.39 -14.20
N LYS A 234 2.43 4.57 -13.87
CA LYS A 234 1.93 4.54 -12.49
C LYS A 234 3.05 4.20 -11.52
N MET A 235 3.95 3.29 -11.91
CA MET A 235 5.09 2.97 -11.05
C MET A 235 5.94 4.20 -10.80
N ALA A 236 6.19 5.01 -11.83
CA ALA A 236 6.92 6.25 -11.63
C ALA A 236 6.13 7.22 -10.76
N ASP A 237 4.81 7.31 -10.96
CA ASP A 237 3.98 8.16 -10.12
C ASP A 237 4.07 7.75 -8.66
N LEU A 238 4.07 6.44 -8.38
CA LEU A 238 4.14 5.96 -7.01
C LEU A 238 5.45 6.36 -6.35
N ARG A 239 6.57 6.27 -7.10
CA ARG A 239 7.84 6.67 -6.55
C ARG A 239 7.82 8.13 -6.11
N GLN A 240 7.23 9.01 -6.93
N GLN A 240 7.24 9.00 -6.93
CA GLN A 240 7.13 10.41 -6.55
CA GLN A 240 7.12 10.41 -6.56
C GLN A 240 6.15 10.59 -5.40
C GLN A 240 6.14 10.58 -5.40
N LEU A 241 5.04 9.83 -5.41
CA LEU A 241 4.09 9.90 -4.30
C LEU A 241 4.76 9.55 -2.98
N VAL A 242 5.63 8.53 -2.99
CA VAL A 242 6.29 8.10 -1.77
C VAL A 242 7.32 9.13 -1.32
N THR A 243 8.07 9.71 -2.25
CA THR A 243 9.02 10.76 -1.89
C THR A 243 8.31 11.92 -1.22
N GLU A 244 7.18 12.35 -1.79
CA GLU A 244 6.42 13.44 -1.19
C GLU A 244 5.83 13.03 0.15
N HIS A 245 5.42 11.77 0.29
CA HIS A 245 4.90 11.32 1.58
C HIS A 245 5.99 11.34 2.65
N ALA A 246 7.19 10.87 2.32
CA ALA A 246 8.28 10.90 3.28
C ALA A 246 8.58 12.32 3.74
N GLN A 247 8.54 13.28 2.81
CA GLN A 247 8.76 14.67 3.20
C GLN A 247 7.72 15.14 4.19
N LEU A 248 6.46 14.76 3.98
CA LEU A 248 5.41 15.13 4.93
C LEU A 248 5.63 14.48 6.28
N VAL A 249 6.02 13.20 6.29
CA VAL A 249 6.28 12.50 7.55
C VAL A 249 7.39 13.20 8.32
N GLN A 250 8.41 13.70 7.61
CA GLN A 250 9.49 14.41 8.29
C GLN A 250 8.99 15.69 8.94
N ILE A 251 8.12 16.43 8.25
CA ILE A 251 7.55 17.64 8.85
C ILE A 251 6.78 17.29 10.11
N ILE A 252 5.96 16.22 10.06
CA ILE A 252 5.21 15.81 11.24
C ILE A 252 6.15 15.42 12.37
N LYS A 253 7.21 14.68 12.05
CA LYS A 253 8.15 14.25 13.07
C LYS A 253 8.78 15.44 13.79
N LYS A 254 9.06 16.52 13.05
CA LYS A 254 9.76 17.66 13.63
C LYS A 254 8.83 18.68 14.28
N THR A 255 7.55 18.71 13.90
CA THR A 255 6.63 19.72 14.39
C THR A 255 5.50 19.16 15.26
N GLU A 256 5.37 17.84 15.37
CA GLU A 256 4.30 17.21 16.15
C GLU A 256 4.94 16.26 17.16
N SER A 257 5.17 16.75 18.37
CA SER A 257 5.84 15.94 19.38
C SER A 257 5.05 14.69 19.75
N ASP A 258 3.71 14.77 19.68
CA ASP A 258 2.88 13.64 20.07
C ASP A 258 2.80 12.55 19.00
N ALA A 259 3.13 12.87 17.75
CA ALA A 259 2.98 11.93 16.65
C ALA A 259 4.22 11.03 16.59
N ALA A 260 4.19 9.97 17.41
CA ALA A 260 5.30 9.03 17.44
C ALA A 260 5.28 8.14 16.22
N LEU A 261 6.46 7.89 15.65
CA LEU A 261 6.62 7.05 14.48
C LEU A 261 7.03 5.65 14.89
N HIS A 262 6.27 4.65 14.44
CA HIS A 262 6.60 3.27 14.73
C HIS A 262 8.05 2.98 14.36
N PRO A 263 8.80 2.25 15.19
CA PRO A 263 10.23 2.07 14.92
C PRO A 263 10.51 1.34 13.61
N LEU A 264 9.68 0.37 13.22
CA LEU A 264 9.90 -0.31 11.95
C LEU A 264 9.76 0.65 10.78
N LEU A 265 8.78 1.57 10.85
CA LEU A 265 8.60 2.54 9.79
C LEU A 265 9.73 3.57 9.79
N GLN A 266 10.22 3.94 10.97
CA GLN A 266 11.34 4.87 11.04
C GLN A 266 12.54 4.33 10.28
N GLU A 267 12.84 3.03 10.45
CA GLU A 267 13.95 2.43 9.73
C GLU A 267 13.72 2.46 8.22
N ILE A 268 12.47 2.24 7.80
CA ILE A 268 12.16 2.28 6.38
C ILE A 268 12.44 3.66 5.80
N TYR A 269 12.00 4.71 6.51
CA TYR A 269 12.21 6.06 6.02
C TYR A 269 13.67 6.48 6.09
N ARG A 270 14.43 5.89 7.01
CA ARG A 270 15.81 6.33 7.25
C ARG A 270 16.65 6.18 6.00
N ASP A 271 17.20 7.30 5.52
CA ASP A 271 18.09 7.33 4.36
C ASP A 271 17.38 6.95 3.06
N MET A 272 16.04 6.90 3.06
CA MET A 272 15.31 6.55 1.84
C MET A 272 15.51 7.62 0.78
N TYR A 273 14.97 8.82 1.02
CA TYR A 273 15.08 9.91 0.06
C TYR A 273 15.62 11.17 0.72
C1 GOL B . -13.11 0.42 -4.73
O1 GOL B . -13.57 1.59 -5.34
C2 GOL B . -12.06 -0.27 -5.60
O2 GOL B . -12.24 -1.65 -5.50
C3 GOL B . -12.18 0.16 -7.06
O3 GOL B . -13.40 -0.28 -7.59
H11 GOL B . -12.72 0.64 -3.87
H12 GOL B . -13.85 -0.18 -4.59
HO1 GOL B . -14.26 1.88 -4.94
H2 GOL B . -11.18 -0.04 -5.27
HO2 GOL B . -11.58 -2.01 -5.10
H31 GOL B . -11.45 -0.23 -7.57
H32 GOL B . -12.13 1.13 -7.12
HO3 GOL B . -13.51 0.06 -8.36
C03 ITY C . -10.49 4.23 13.26
C04 ITY C . -9.65 4.28 12.00
C05 ITY C . -10.70 2.78 13.72
C06 ITY C . -9.12 5.70 11.87
C07 ITY C . -11.75 2.77 14.82
C08 ITY C . 0.38 7.29 6.76
C09 ITY C . 1.05 6.28 7.71
C10 ITY C . -8.37 5.93 10.55
C11 ITY C . 0.36 6.76 5.32
C12 ITY C . 2.45 5.94 7.22
C13 ITY C . -7.80 6.16 9.55
C14 ITY C . -0.35 5.41 5.26
C15 ITY C . -7.10 6.49 8.23
C16 ITY C . -0.88 4.35 5.21
C17 ITY C . -1.54 2.98 5.16
C18 ITY C . -6.50 5.24 7.59
C19 ITY C . -5.58 2.97 6.42
C20 ITY C . -3.00 3.06 5.61
C21 ITY C . -6.06 4.27 7.08
C22 ITY C . -4.13 3.06 5.94
O01 ITY C . 2.85 4.75 7.28
O02 ITY C . 3.22 6.84 6.79
H032 ITY C . -10.05 4.73 13.97
H031 ITY C . -11.36 4.63 13.09
H041 ITY C . -8.91 3.66 12.07
H042 ITY C . -10.19 4.06 11.22
H051 ITY C . -9.86 2.44 14.06
H052 ITY C . -10.99 2.25 12.97
H062 ITY C . -8.51 5.89 12.61
H061 ITY C . -9.86 6.32 11.92
H071 ITY C . -11.46 3.32 15.55
H073 ITY C . -12.59 3.11 14.46
H072 ITY C . -11.89 1.86 15.12
H082 ITY C . -0.53 7.43 7.06
H081 ITY C . 0.86 8.12 6.78
H091 ITY C . 0.52 5.48 7.76
H092 ITY C . 1.11 6.68 8.60
H112 ITY C . 1.28 6.67 5.00
H111 ITY C . -0.11 7.39 4.76
H152 ITY C . -6.40 7.14 8.40
H151 ITY C . -7.74 6.88 7.61
H171 ITY C . -1.50 2.64 4.26
H172 ITY C . -1.06 2.37 5.75
H191 ITY C . -6.15 2.78 5.66
H192 ITY C . -5.66 2.25 7.07
#